data_8ASE
#
_entry.id   8ASE
#
_cell.length_a   44.201
_cell.length_b   120.311
_cell.length_c   128.808
_cell.angle_alpha   90.000
_cell.angle_beta   90.000
_cell.angle_gamma   90.000
#
_symmetry.space_group_name_H-M   'P 21 21 21'
#
loop_
_entity.id
_entity.type
_entity.pdbx_description
1 polymer 'Thrombin light chain'
2 polymer 'Thrombin heavy chain'
3 branched 2-acetamido-2-deoxy-beta-D-glucopyranose-(1-4)-2-acetamido-2-deoxy-beta-D-glucopyranose
4 non-polymer (8~{S},14~{S},18~{E})-8-[(4-chlorophenyl)methyl]-3,21-dithia-7,10,16-triazatricyclo[21.2.2.1^{10,14}]octacosa-1(26),18,23(27),24-tetraene-6,9,15-trione
5 non-polymer 'SULFATE ION'
6 non-polymer 2-acetamido-2-deoxy-beta-D-glucopyranose
7 water water
#
loop_
_entity_poly.entity_id
_entity_poly.type
_entity_poly.pdbx_seq_one_letter_code
_entity_poly.pdbx_strand_id
1 'polypeptide(L)' TFGSGEADCGLRPLFEKKSLEDKTERELLESYIDGR L,A
2 'polypeptide(L)'
;IVEGSDAEIGMSPWQVMLFRKSPQELLCGASLISDRWVLTAAHCLLYPPWDKNFTENDLLVRIGKHSRTRYERNIEKISM
LEKIYIHPRYNWRENLDRDIALMKLKKPVAFSDYIHPVCLPDRETAASLLQAGYKGRVTGWGNLKETWTANVGKGQPSVL
QVVNLPIVERPVCKDSTRIRITDNMFCAGYKPDEGKRGDACEGDSGGPFVMKSPFNNRWYQMGIVSWGEGCDRDGKYGFY
THVFRLKKWIQKVIDQFGE
;
H,B
#
loop_
_chem_comp.id
_chem_comp.type
_chem_comp.name
_chem_comp.formula
NAG D-saccharide, beta linking 2-acetamido-2-deoxy-beta-D-glucopyranose 'C8 H15 N O6'
NWR non-polymer (8~{S},14~{S},18~{E})-8-[(4-chlorophenyl)methyl]-3,21-dithia-7,10,16-triazatricyclo[21.2.2.1^{10,14}]octacosa-1(26),18,23(27),24-tetraene-6,9,15-trione 'C30 H36 Cl N3 O3 S2'
SO4 non-polymer 'SULFATE ION' 'O4 S -2'
#
# COMPACT_ATOMS: atom_id res chain seq x y z
N GLU A 6 20.67 15.96 -26.71
CA GLU A 6 21.66 15.25 -27.58
C GLU A 6 21.02 15.03 -28.93
N ALA A 7 21.84 15.06 -29.98
CA ALA A 7 21.31 15.07 -31.32
C ALA A 7 20.88 13.66 -31.75
N ASP A 8 21.50 12.62 -31.17
CA ASP A 8 21.25 11.27 -31.64
C ASP A 8 20.47 10.43 -30.62
N CYS A 9 19.92 11.09 -29.60
CA CYS A 9 19.26 10.42 -28.48
C CYS A 9 18.05 9.60 -28.94
N GLY A 10 17.82 8.47 -28.26
CA GLY A 10 16.64 7.63 -28.50
C GLY A 10 16.73 6.81 -29.79
N LEU A 11 17.89 6.82 -30.47
CA LEU A 11 18.10 5.92 -31.59
C LEU A 11 19.09 4.83 -31.15
N ARG A 12 18.60 3.59 -31.12
CA ARG A 12 19.34 2.50 -30.51
C ARG A 12 20.28 1.89 -31.55
N PRO A 13 21.60 1.82 -31.24
CA PRO A 13 22.60 1.24 -32.15
C PRO A 13 22.24 -0.13 -32.72
N LEU A 14 21.65 -1.01 -31.91
CA LEU A 14 21.39 -2.36 -32.39
C LEU A 14 19.98 -2.51 -32.96
N PHE A 15 19.16 -1.44 -33.03
CA PHE A 15 17.82 -1.55 -33.59
C PHE A 15 17.55 -0.53 -34.70
N GLU A 16 17.30 0.74 -34.34
CA GLU A 16 16.91 1.73 -35.32
C GLU A 16 18.08 1.99 -36.25
N LYS A 17 19.31 1.98 -35.69
CA LYS A 17 20.49 2.33 -36.48
C LYS A 17 20.88 1.19 -37.44
N LYS A 18 20.28 0.00 -37.26
CA LYS A 18 20.56 -1.15 -38.11
C LYS A 18 19.32 -1.51 -38.92
N SER A 19 18.23 -0.74 -38.74
CA SER A 19 16.93 -1.01 -39.36
C SER A 19 16.28 -2.31 -38.85
N LEU A 20 16.47 -2.63 -37.56
CA LEU A 20 15.89 -3.82 -36.95
C LEU A 20 14.84 -3.38 -35.93
N GLU A 21 13.79 -4.20 -35.76
CA GLU A 21 12.76 -3.93 -34.77
C GLU A 21 12.88 -4.92 -33.62
N ASP A 22 12.69 -4.41 -32.40
CA ASP A 22 12.67 -5.32 -31.27
C ASP A 22 11.35 -6.09 -31.35
N LYS A 23 11.18 -7.07 -30.48
CA LYS A 23 10.10 -8.03 -30.60
C LYS A 23 8.72 -7.36 -30.45
N THR A 24 8.60 -6.40 -29.52
CA THR A 24 7.31 -5.94 -29.05
C THR A 24 7.04 -4.48 -29.39
N GLU A 25 7.93 -3.81 -30.15
CA GLU A 25 7.73 -2.38 -30.39
C GLU A 25 6.53 -2.09 -31.29
N ARG A 26 6.24 -2.96 -32.27
CA ARG A 26 5.06 -2.78 -33.17
C ARG A 26 3.81 -2.66 -32.31
N GLU A 27 3.74 -3.42 -31.22
CA GLU A 27 2.64 -3.29 -30.26
C GLU A 27 2.50 -1.84 -29.77
N LEU A 28 3.62 -1.11 -29.59
CA LEU A 28 3.51 0.31 -29.25
C LEU A 28 2.90 1.10 -30.40
N LEU A 29 3.45 0.96 -31.61
CA LEU A 29 2.95 1.68 -32.77
C LEU A 29 1.48 1.35 -33.00
N GLU A 30 1.12 0.07 -32.94
CA GLU A 30 -0.25 -0.35 -33.20
C GLU A 30 -1.21 0.26 -32.20
N SER A 31 -0.72 0.59 -31.00
CA SER A 31 -1.55 1.27 -30.02
C SER A 31 -1.81 2.74 -30.39
N TYR A 32 -1.01 3.33 -31.30
CA TYR A 32 -1.21 4.72 -31.69
C TYR A 32 -2.28 4.80 -32.79
N ILE A 33 -2.41 3.72 -33.57
CA ILE A 33 -3.54 3.48 -34.46
C ILE A 33 -4.69 2.95 -33.60
N ILE B 1 9.63 -6.10 -12.69
CA ILE B 1 8.55 -6.11 -13.67
C ILE B 1 7.75 -7.41 -13.51
N VAL B 2 6.46 -7.27 -13.15
CA VAL B 2 5.61 -8.43 -13.02
C VAL B 2 4.96 -8.69 -14.38
N GLU B 3 5.04 -9.93 -14.86
CA GLU B 3 4.33 -10.39 -16.05
C GLU B 3 4.90 -9.72 -17.28
N GLY B 4 6.19 -9.42 -17.23
CA GLY B 4 6.86 -8.83 -18.38
C GLY B 4 7.54 -9.91 -19.19
N SER B 5 8.73 -9.59 -19.70
CA SER B 5 9.54 -10.59 -20.36
C SER B 5 10.94 -10.05 -20.60
N ASP B 6 11.82 -10.93 -21.05
CA ASP B 6 13.24 -10.64 -21.20
C ASP B 6 13.43 -9.64 -22.32
N ALA B 7 14.17 -8.56 -22.05
CA ALA B 7 14.63 -7.64 -23.09
C ALA B 7 15.74 -8.29 -23.92
N GLU B 8 15.82 -7.92 -25.20
CA GLU B 8 16.93 -8.35 -26.03
C GLU B 8 18.15 -7.50 -25.70
N ILE B 9 19.32 -7.95 -26.15
CA ILE B 9 20.55 -7.20 -25.96
C ILE B 9 20.44 -5.85 -26.68
N GLY B 10 20.80 -4.76 -25.97
CA GLY B 10 20.81 -3.44 -26.56
C GLY B 10 19.43 -2.82 -26.75
N MET B 11 18.37 -3.48 -26.26
CA MET B 11 17.00 -3.04 -26.48
C MET B 11 16.67 -1.79 -25.67
N SER B 12 17.43 -1.55 -24.59
CA SER B 12 17.20 -0.43 -23.71
C SER B 12 18.54 0.11 -23.22
N PRO B 13 19.34 0.77 -24.10
CA PRO B 13 20.69 1.17 -23.73
C PRO B 13 20.80 2.44 -22.88
N TRP B 14 19.67 3.10 -22.60
CA TRP B 14 19.65 4.19 -21.63
C TRP B 14 19.43 3.65 -20.21
N GLN B 15 19.27 2.33 -20.05
CA GLN B 15 18.99 1.73 -18.75
C GLN B 15 20.17 1.94 -17.80
N VAL B 16 19.85 2.33 -16.55
CA VAL B 16 20.88 2.51 -15.53
C VAL B 16 20.41 1.78 -14.27
N MET B 17 21.34 1.08 -13.62
CA MET B 17 21.09 0.45 -12.33
C MET B 17 21.69 1.31 -11.21
N LEU B 18 20.89 1.62 -10.19
CA LEU B 18 21.38 2.37 -9.06
C LEU B 18 21.73 1.37 -7.97
N PHE B 19 22.99 1.39 -7.49
CA PHE B 19 23.45 0.47 -6.46
C PHE B 19 23.85 1.21 -5.19
N ARG B 20 23.53 0.61 -4.03
CA ARG B 20 24.16 1.04 -2.80
C ARG B 20 25.53 0.35 -2.77
N LYS B 21 26.53 1.10 -2.25
CA LYS B 21 27.92 0.67 -2.25
C LYS B 21 28.18 -0.41 -1.20
N SER B 22 27.67 -0.22 0.03
CA SER B 22 27.97 -1.08 1.17
C SER B 22 26.74 -1.29 2.05
N PRO B 23 26.26 -2.54 2.21
CA PRO B 23 26.70 -3.66 1.37
C PRO B 23 26.12 -3.56 -0.03
N GLN B 24 26.91 -3.95 -1.03
CA GLN B 24 26.51 -3.93 -2.43
C GLN B 24 25.12 -4.52 -2.58
N GLU B 25 24.19 -3.75 -3.17
CA GLU B 25 22.77 -4.09 -3.22
C GLU B 25 22.12 -3.28 -4.35
N LEU B 26 21.37 -3.95 -5.26
CA LEU B 26 20.61 -3.22 -6.28
C LEU B 26 19.48 -2.47 -5.59
N LEU B 27 19.30 -1.22 -5.98
CA LEU B 27 18.46 -0.32 -5.20
C LEU B 27 17.28 0.16 -6.07
N CYS B 28 17.54 0.50 -7.34
CA CYS B 28 16.60 1.23 -8.19
C CYS B 28 17.05 1.20 -9.64
N GLY B 29 16.15 1.64 -10.52
CA GLY B 29 16.48 1.87 -11.91
C GLY B 29 16.80 3.34 -12.14
N ALA B 30 17.40 3.63 -13.30
CA ALA B 30 17.57 5.00 -13.74
C ALA B 30 17.65 5.03 -15.26
N SER B 31 17.79 6.22 -15.86
CA SER B 31 17.92 6.36 -17.31
C SER B 31 19.06 7.31 -17.63
N LEU B 32 19.74 7.05 -18.74
CA LEU B 32 20.84 7.90 -19.20
C LEU B 32 20.26 8.94 -20.14
N ILE B 33 20.40 10.22 -19.79
CA ILE B 33 19.82 11.24 -20.65
C ILE B 33 20.92 12.07 -21.33
N SER B 34 22.19 11.81 -21.01
CA SER B 34 23.33 12.43 -21.67
C SER B 34 24.55 11.59 -21.31
N ASP B 35 25.76 12.07 -21.60
CA ASP B 35 26.95 11.32 -21.24
C ASP B 35 27.25 11.45 -19.75
N ARG B 36 26.76 12.51 -19.08
CA ARG B 36 27.14 12.71 -17.68
C ARG B 36 25.94 12.83 -16.75
N TRP B 37 24.71 12.76 -17.30
CA TRP B 37 23.48 13.02 -16.58
C TRP B 37 22.57 11.79 -16.54
N VAL B 38 22.04 11.52 -15.34
CA VAL B 38 21.26 10.33 -15.09
C VAL B 38 19.96 10.72 -14.35
N LEU B 39 18.84 10.12 -14.77
CA LEU B 39 17.52 10.44 -14.24
C LEU B 39 16.96 9.27 -13.41
N THR B 40 16.33 9.57 -12.26
CA THR B 40 15.81 8.57 -11.32
C THR B 40 14.65 9.14 -10.49
N ALA B 41 14.15 8.34 -9.54
CA ALA B 41 13.09 8.79 -8.64
C ALA B 41 13.71 9.29 -7.34
N ALA B 42 13.22 10.43 -6.83
CA ALA B 42 13.64 11.03 -5.57
C ALA B 42 13.54 10.02 -4.40
N HIS B 43 12.52 9.16 -4.38
CA HIS B 43 12.26 8.27 -3.25
C HIS B 43 13.26 7.13 -3.22
N CYS B 44 14.00 6.98 -4.32
CA CYS B 44 15.08 6.02 -4.35
C CYS B 44 16.18 6.49 -3.40
N LEU B 45 16.24 7.81 -3.19
CA LEU B 45 17.38 8.46 -2.57
C LEU B 45 17.00 9.01 -1.20
N LEU B 46 15.74 9.47 -1.11
CA LEU B 46 15.23 10.16 0.04
C LEU B 46 13.82 9.69 0.33
N TYR B 47 13.70 8.91 1.40
CA TYR B 47 12.43 8.66 2.05
C TYR B 47 12.62 8.63 3.57
N PRO B 48 12.61 9.80 4.25
CA PRO B 48 12.75 9.87 5.72
C PRO B 48 11.88 8.90 6.54
N PRO B 49 10.58 8.68 6.22
CA PRO B 49 9.75 7.78 7.00
C PRO B 49 10.33 6.38 7.12
N TRP B 50 11.28 6.03 6.23
CA TRP B 50 11.86 4.69 6.21
C TRP B 50 13.35 4.71 6.53
N ASP B 51 13.88 5.89 6.89
CA ASP B 51 15.30 6.07 7.15
C ASP B 51 16.14 5.88 5.88
N LYS B 52 15.60 6.30 4.74
CA LYS B 52 16.39 6.32 3.53
C LYS B 52 16.89 7.74 3.33
N ASN B 53 18.21 7.88 3.35
CA ASN B 53 18.82 9.16 3.06
C ASN B 53 20.23 8.91 2.52
N PHE B 54 20.38 8.99 1.21
CA PHE B 54 21.66 8.63 0.63
C PHE B 54 22.35 9.88 0.08
N THR B 55 23.69 9.85 0.07
CA THR B 55 24.45 10.89 -0.60
C THR B 55 25.30 10.25 -1.70
N GLU B 56 25.78 11.08 -2.63
CA GLU B 56 26.50 10.66 -3.82
C GLU B 56 27.52 9.58 -3.49
N ASN B 57 28.13 9.68 -2.30
CA ASN B 57 29.24 8.80 -1.95
C ASN B 57 28.75 7.44 -1.49
N ASP B 58 27.42 7.30 -1.26
CA ASP B 58 26.89 6.03 -0.79
C ASP B 58 26.52 5.16 -1.98
N LEU B 59 26.61 5.73 -3.17
CA LEU B 59 26.01 5.12 -4.33
C LEU B 59 27.03 4.99 -5.45
N LEU B 60 26.76 4.00 -6.33
CA LEU B 60 27.31 3.98 -7.68
C LEU B 60 26.22 3.51 -8.66
N VAL B 61 26.41 3.83 -9.94
CA VAL B 61 25.47 3.40 -10.95
C VAL B 61 26.20 2.43 -11.88
N ARG B 62 25.40 1.63 -12.59
CA ARG B 62 25.92 0.61 -13.49
C ARG B 62 25.18 0.74 -14.82
N ILE B 63 25.93 0.80 -15.93
CA ILE B 63 25.39 1.18 -17.22
C ILE B 63 25.95 0.25 -18.30
N GLY B 64 25.14 -0.05 -19.32
CA GLY B 64 25.58 -0.95 -20.36
C GLY B 64 25.19 -2.41 -20.14
N LYS B 65 25.79 -3.30 -20.93
CA LYS B 65 25.46 -4.73 -20.91
C LYS B 65 25.85 -5.38 -19.57
N HIS B 66 24.96 -6.26 -19.07
CA HIS B 66 25.06 -6.92 -17.78
C HIS B 66 25.33 -8.43 -17.97
N TYR B 71 31.33 -17.70 -22.00
CA TYR B 71 31.84 -16.46 -21.32
C TYR B 71 31.54 -15.27 -22.22
N GLU B 72 31.81 -14.08 -21.67
CA GLU B 72 31.65 -12.84 -22.38
C GLU B 72 32.50 -11.85 -21.60
N ARG B 73 33.25 -11.00 -22.30
CA ARG B 73 33.91 -9.94 -21.57
C ARG B 73 32.86 -9.04 -20.91
N ASN B 74 33.07 -8.76 -19.62
CA ASN B 74 32.31 -7.78 -18.88
C ASN B 74 32.46 -6.41 -19.54
N ILE B 75 31.38 -5.94 -20.18
CA ILE B 75 31.38 -4.67 -20.88
C ILE B 75 30.53 -3.66 -20.09
N GLU B 76 30.10 -4.07 -18.90
CA GLU B 76 29.29 -3.16 -18.04
C GLU B 76 30.19 -2.02 -17.55
N LYS B 77 29.61 -0.84 -17.34
CA LYS B 77 30.43 0.34 -16.91
C LYS B 77 29.98 0.79 -15.53
N ILE B 78 30.92 0.88 -14.58
CA ILE B 78 30.56 1.37 -13.25
C ILE B 78 31.02 2.82 -13.16
N SER B 79 30.17 3.68 -12.60
CA SER B 79 30.61 5.04 -12.37
C SER B 79 30.06 5.59 -11.07
N MET B 80 30.75 6.61 -10.56
CA MET B 80 30.44 7.31 -9.32
C MET B 80 29.58 8.52 -9.66
N LEU B 81 29.02 9.17 -8.64
CA LEU B 81 28.23 10.36 -8.85
C LEU B 81 29.00 11.58 -8.31
N GLU B 82 28.96 12.71 -9.04
CA GLU B 82 29.39 13.96 -8.45
C GLU B 82 28.33 14.38 -7.43
N LYS B 83 27.13 14.69 -7.92
CA LYS B 83 26.15 15.43 -7.15
C LYS B 83 24.77 14.80 -7.36
N ILE B 84 23.94 14.80 -6.32
CA ILE B 84 22.53 14.42 -6.39
C ILE B 84 21.71 15.71 -6.45
N TYR B 85 20.58 15.66 -7.12
CA TYR B 85 19.67 16.79 -7.09
C TYR B 85 18.26 16.24 -6.92
N ILE B 86 17.72 16.33 -5.70
CA ILE B 86 16.30 16.07 -5.47
C ILE B 86 15.53 17.34 -5.82
N HIS B 87 14.40 17.18 -6.51
CA HIS B 87 13.54 18.33 -6.70
C HIS B 87 13.35 19.02 -5.35
N PRO B 88 13.47 20.37 -5.29
CA PRO B 88 13.16 21.11 -4.05
C PRO B 88 11.78 20.87 -3.44
N ARG B 89 10.73 20.71 -4.27
CA ARG B 89 9.34 20.59 -3.80
C ARG B 89 8.85 19.13 -3.85
N TYR B 90 9.77 18.18 -3.72
CA TYR B 90 9.43 16.78 -3.68
C TYR B 90 8.69 16.49 -2.38
N ASN B 91 7.44 16.02 -2.51
CA ASN B 91 6.55 15.85 -1.39
C ASN B 91 6.59 14.41 -0.87
N TRP B 92 7.66 14.10 -0.12
CA TRP B 92 7.82 12.80 0.49
C TRP B 92 6.85 12.63 1.66
N ARG B 93 6.33 13.75 2.15
CA ARG B 93 5.50 13.73 3.35
C ARG B 93 4.10 13.18 3.05
N GLU B 94 3.62 13.32 1.81
CA GLU B 94 2.20 13.08 1.58
C GLU B 94 1.96 12.09 0.44
N ASN B 95 2.46 12.39 -0.78
CA ASN B 95 1.97 11.67 -1.94
C ASN B 95 3.04 11.39 -2.99
N LEU B 96 4.31 11.70 -2.71
CA LEU B 96 5.39 11.53 -3.66
C LEU B 96 5.18 12.39 -4.91
N ASP B 97 4.55 13.55 -4.76
CA ASP B 97 4.51 14.53 -5.82
C ASP B 97 5.94 14.98 -6.16
N ARG B 98 6.21 15.12 -7.46
CA ARG B 98 7.50 15.61 -7.94
C ARG B 98 8.59 14.61 -7.59
N ASP B 99 8.33 13.33 -7.91
CA ASP B 99 9.23 12.25 -7.53
C ASP B 99 10.32 12.14 -8.59
N ILE B 100 11.31 13.03 -8.49
CA ILE B 100 12.33 13.13 -9.53
C ILE B 100 13.66 13.58 -8.93
N ALA B 101 14.75 13.01 -9.47
CA ALA B 101 16.09 13.26 -9.01
C ALA B 101 17.03 13.19 -10.20
N LEU B 102 18.10 14.00 -10.16
CA LEU B 102 19.14 14.01 -11.18
C LEU B 102 20.46 13.64 -10.51
N MET B 103 21.27 12.88 -11.23
CA MET B 103 22.58 12.49 -10.76
C MET B 103 23.61 12.74 -11.86
N LYS B 104 24.62 13.56 -11.51
CA LYS B 104 25.77 13.83 -12.36
C LYS B 104 26.87 12.82 -12.06
N LEU B 105 27.37 12.19 -13.12
CA LEU B 105 28.49 11.26 -13.06
C LEU B 105 29.80 12.00 -12.77
N LYS B 106 30.72 11.31 -12.07
CA LYS B 106 32.01 11.88 -11.74
C LYS B 106 32.75 12.20 -13.04
N LYS B 107 32.85 11.21 -13.92
CA LYS B 107 33.38 11.43 -15.25
C LYS B 107 32.39 10.92 -16.29
N PRO B 108 32.32 11.57 -17.46
CA PRO B 108 31.38 11.21 -18.52
C PRO B 108 31.51 9.77 -19.02
N VAL B 109 30.38 9.20 -19.48
CA VAL B 109 30.34 7.82 -19.99
C VAL B 109 30.40 7.82 -21.53
N ALA B 110 31.10 6.81 -22.08
CA ALA B 110 31.31 6.70 -23.51
C ALA B 110 30.21 5.83 -24.09
N PHE B 111 29.43 6.40 -25.01
CA PHE B 111 28.37 5.66 -25.69
C PHE B 111 28.96 4.48 -26.47
N SER B 112 28.12 3.48 -26.72
CA SER B 112 28.49 2.28 -27.46
C SER B 112 27.21 1.63 -27.94
N ASP B 113 27.31 0.36 -28.36
CA ASP B 113 26.15 -0.38 -28.83
C ASP B 113 25.17 -0.61 -27.70
N TYR B 114 25.65 -0.50 -26.47
CA TYR B 114 24.90 -0.90 -25.27
C TYR B 114 24.64 0.33 -24.42
N ILE B 115 25.33 1.44 -24.73
CA ILE B 115 25.17 2.62 -23.91
C ILE B 115 24.79 3.78 -24.84
N HIS B 116 23.59 4.31 -24.62
CA HIS B 116 23.11 5.38 -25.47
C HIS B 116 22.00 6.10 -24.70
N PRO B 117 21.92 7.44 -24.79
CA PRO B 117 20.88 8.19 -24.08
C PRO B 117 19.55 8.24 -24.82
N VAL B 118 18.49 8.45 -24.04
CA VAL B 118 17.11 8.52 -24.46
C VAL B 118 16.74 9.99 -24.55
N CYS B 119 15.74 10.34 -25.35
CA CYS B 119 15.36 11.73 -25.49
C CYS B 119 14.36 12.09 -24.41
N LEU B 120 14.53 13.26 -23.79
CA LEU B 120 13.46 13.94 -23.07
C LEU B 120 12.48 14.56 -24.07
N PRO B 121 11.16 14.52 -23.78
CA PRO B 121 10.16 15.03 -24.73
C PRO B 121 10.10 16.55 -24.74
N ASP B 122 9.56 17.07 -25.83
CA ASP B 122 9.22 18.47 -26.02
C ASP B 122 7.69 18.55 -26.04
N ARG B 123 7.16 19.79 -26.04
CA ARG B 123 5.73 20.07 -25.92
C ARG B 123 4.93 19.22 -26.91
N GLU B 124 5.36 19.22 -28.18
CA GLU B 124 4.61 18.59 -29.26
C GLU B 124 4.54 17.08 -29.06
N THR B 125 5.65 16.48 -28.62
CA THR B 125 5.74 15.04 -28.47
C THR B 125 4.86 14.57 -27.30
N ALA B 126 5.06 15.21 -26.14
CA ALA B 126 4.30 14.90 -24.95
C ALA B 126 2.79 15.04 -25.20
N ALA B 127 2.38 16.07 -25.93
CA ALA B 127 0.96 16.29 -26.20
C ALA B 127 0.43 15.29 -27.21
N SER B 128 1.33 14.79 -28.07
CA SER B 128 0.92 14.07 -29.24
C SER B 128 0.78 12.60 -28.89
N LEU B 129 1.62 12.16 -27.94
CA LEU B 129 1.54 10.83 -27.36
C LEU B 129 1.27 11.13 -25.90
N LEU B 130 1.26 10.14 -25.02
CA LEU B 130 0.89 10.48 -23.65
C LEU B 130 -0.59 10.84 -23.62
N GLN B 131 -1.38 9.94 -24.21
CA GLN B 131 -2.84 9.98 -24.19
C GLN B 131 -3.30 8.58 -23.81
N ALA B 132 -4.52 8.51 -23.26
CA ALA B 132 -5.07 7.26 -22.78
C ALA B 132 -5.17 6.23 -23.92
N GLY B 133 -4.81 4.98 -23.63
CA GLY B 133 -4.85 3.88 -24.59
C GLY B 133 -3.53 3.74 -25.35
N TYR B 134 -2.76 4.83 -25.41
CA TYR B 134 -1.43 4.73 -26.01
C TYR B 134 -0.55 3.94 -25.03
N LYS B 135 0.34 3.12 -25.59
CA LYS B 135 1.19 2.26 -24.79
C LYS B 135 2.62 2.82 -24.69
N GLY B 136 3.15 2.73 -23.47
CA GLY B 136 4.55 3.03 -23.23
C GLY B 136 5.27 1.78 -22.78
N ARG B 137 6.59 1.88 -22.63
CA ARG B 137 7.35 0.71 -22.23
C ARG B 137 8.02 0.99 -20.89
N VAL B 138 8.02 -0.03 -20.02
CA VAL B 138 8.71 0.01 -18.76
C VAL B 138 9.73 -1.11 -18.73
N THR B 139 10.88 -0.83 -18.14
CA THR B 139 11.97 -1.77 -18.05
C THR B 139 12.58 -1.72 -16.64
N GLY B 140 12.95 -2.89 -16.09
CA GLY B 140 13.77 -2.86 -14.90
C GLY B 140 14.32 -4.23 -14.52
N TRP B 141 15.15 -4.19 -13.48
CA TRP B 141 15.65 -5.40 -12.83
C TRP B 141 14.87 -5.72 -11.54
N GLY B 142 13.75 -5.04 -11.29
CA GLY B 142 12.96 -5.28 -10.09
C GLY B 142 12.28 -6.64 -10.08
N ASN B 143 11.53 -6.91 -9.00
CA ASN B 143 11.03 -8.24 -8.70
C ASN B 143 9.99 -8.69 -9.72
N LEU B 144 9.84 -10.02 -9.86
CA LEU B 144 8.90 -10.62 -10.80
C LEU B 144 7.56 -10.88 -10.13
N LYS B 145 7.52 -10.93 -8.79
CA LYS B 145 6.28 -11.18 -8.06
C LYS B 145 6.24 -10.21 -6.89
N GLU B 146 5.04 -9.82 -6.49
CA GLU B 146 4.88 -8.88 -5.39
C GLU B 146 5.29 -9.54 -4.07
N THR B 147 4.92 -10.82 -3.89
CA THR B 147 5.46 -11.65 -2.81
C THR B 147 5.90 -12.99 -3.38
N TRP B 148 6.93 -13.59 -2.77
CA TRP B 148 7.37 -14.94 -3.10
C TRP B 148 8.00 -15.56 -1.86
N THR B 149 7.61 -16.82 -1.60
CA THR B 149 8.26 -17.68 -0.60
C THR B 149 9.71 -17.92 -1.01
N ALA B 150 10.66 -17.43 -0.20
CA ALA B 150 12.09 -17.50 -0.50
C ALA B 150 12.55 -18.95 -0.61
N ASN B 151 13.25 -19.28 -1.70
CA ASN B 151 13.79 -20.61 -1.99
C ASN B 151 12.75 -21.53 -2.61
N VAL B 152 11.48 -21.09 -2.65
CA VAL B 152 10.40 -21.82 -3.29
C VAL B 152 9.61 -20.84 -4.15
N GLY B 153 10.13 -20.54 -5.35
CA GLY B 153 9.55 -19.50 -6.19
C GLY B 153 10.59 -18.48 -6.67
N LYS B 154 10.41 -17.96 -7.88
CA LYS B 154 11.39 -17.00 -8.48
C LYS B 154 10.86 -15.57 -8.36
N GLY B 155 11.65 -14.66 -7.80
CA GLY B 155 11.18 -13.29 -7.58
C GLY B 155 12.09 -12.25 -8.19
N GLN B 156 13.37 -12.58 -8.35
CA GLN B 156 14.32 -11.58 -8.87
C GLN B 156 14.81 -12.05 -10.24
N PRO B 157 14.92 -11.15 -11.24
CA PRO B 157 15.28 -11.55 -12.60
C PRO B 157 16.78 -11.73 -12.90
N SER B 158 17.12 -12.47 -13.95
CA SER B 158 18.51 -12.59 -14.36
C SER B 158 18.85 -11.70 -15.55
N VAL B 159 17.86 -11.34 -16.38
CA VAL B 159 18.06 -10.36 -17.43
C VAL B 159 17.00 -9.28 -17.26
N LEU B 160 17.29 -8.10 -17.84
CA LEU B 160 16.42 -6.93 -17.86
C LEU B 160 15.04 -7.34 -18.36
N GLN B 161 14.00 -6.89 -17.63
CA GLN B 161 12.62 -7.22 -17.97
C GLN B 161 11.91 -6.01 -18.61
N VAL B 162 10.93 -6.29 -19.46
CA VAL B 162 10.26 -5.26 -20.22
C VAL B 162 8.76 -5.55 -20.20
N VAL B 163 7.94 -4.50 -20.18
CA VAL B 163 6.51 -4.69 -20.34
C VAL B 163 5.95 -3.44 -21.00
N ASN B 164 5.00 -3.64 -21.93
CA ASN B 164 4.34 -2.51 -22.55
C ASN B 164 2.98 -2.31 -21.88
N LEU B 165 2.70 -1.08 -21.43
CA LEU B 165 1.48 -0.75 -20.70
C LEU B 165 0.79 0.47 -21.30
N PRO B 166 -0.55 0.46 -21.39
CA PRO B 166 -1.30 1.61 -21.89
C PRO B 166 -1.47 2.66 -20.79
N ILE B 167 -1.31 3.93 -21.17
CA ILE B 167 -1.66 5.05 -20.29
C ILE B 167 -3.15 4.97 -19.94
N VAL B 168 -3.50 5.30 -18.70
CA VAL B 168 -4.88 5.24 -18.26
C VAL B 168 -5.42 6.67 -18.20
N GLU B 169 -6.73 6.88 -18.47
CA GLU B 169 -7.38 8.18 -18.27
C GLU B 169 -7.20 8.64 -16.83
N ARG B 170 -6.99 9.95 -16.63
N ARG B 170 -7.00 9.94 -16.64
CA ARG B 170 -6.80 10.51 -15.31
CA ARG B 170 -6.79 10.48 -15.27
C ARG B 170 -7.98 10.14 -14.38
C ARG B 170 -7.98 10.14 -14.36
N PRO B 171 -9.26 10.33 -14.78
CA PRO B 171 -10.38 9.96 -13.91
C PRO B 171 -10.33 8.51 -13.42
N VAL B 172 -9.97 7.57 -14.30
CA VAL B 172 -9.77 6.20 -13.87
C VAL B 172 -8.61 6.12 -12.88
N CYS B 173 -7.54 6.89 -13.12
CA CYS B 173 -6.44 6.92 -12.19
C CYS B 173 -6.93 7.36 -10.81
N LYS B 174 -7.51 8.56 -10.77
CA LYS B 174 -7.97 9.16 -9.52
C LYS B 174 -8.85 8.16 -8.75
N ASP B 175 -9.80 7.52 -9.43
CA ASP B 175 -10.76 6.65 -8.76
C ASP B 175 -10.17 5.32 -8.30
N SER B 176 -8.94 5.00 -8.69
CA SER B 176 -8.40 3.68 -8.44
C SER B 176 -7.74 3.61 -7.05
N THR B 177 -7.53 4.78 -6.44
CA THR B 177 -6.66 4.91 -5.28
C THR B 177 -7.17 6.00 -4.35
N ARG B 178 -6.79 5.90 -3.06
CA ARG B 178 -7.15 6.87 -2.06
C ARG B 178 -6.04 7.91 -1.91
N ILE B 179 -4.91 7.71 -2.62
CA ILE B 179 -3.79 8.63 -2.60
C ILE B 179 -4.14 9.85 -3.47
N ARG B 180 -3.76 11.05 -2.99
CA ARG B 180 -4.05 12.27 -3.70
C ARG B 180 -3.04 12.46 -4.83
N ILE B 181 -3.48 12.22 -6.06
CA ILE B 181 -2.62 12.25 -7.23
C ILE B 181 -2.63 13.66 -7.81
N THR B 182 -1.53 14.03 -8.48
CA THR B 182 -1.38 15.38 -9.00
C THR B 182 -1.06 15.34 -10.49
N ASP B 183 -1.07 16.52 -11.09
CA ASP B 183 -0.78 16.64 -12.51
C ASP B 183 0.67 16.25 -12.78
N ASN B 184 1.44 15.97 -11.72
CA ASN B 184 2.85 15.66 -11.85
C ASN B 184 3.06 14.14 -11.94
N MET B 185 1.97 13.40 -12.14
CA MET B 185 2.07 11.95 -12.21
C MET B 185 0.93 11.46 -13.08
N PHE B 186 1.17 10.36 -13.78
CA PHE B 186 0.15 9.66 -14.54
C PHE B 186 0.22 8.18 -14.20
N CYS B 187 -0.76 7.41 -14.67
CA CYS B 187 -0.81 6.01 -14.34
C CYS B 187 -0.95 5.17 -15.61
N ALA B 188 -0.49 3.92 -15.53
CA ALA B 188 -0.56 3.05 -16.69
C ALA B 188 -0.86 1.65 -16.21
N GLY B 189 -1.44 0.86 -17.10
CA GLY B 189 -1.70 -0.55 -16.85
C GLY B 189 -3.00 -0.94 -17.52
N TYR B 190 -3.21 -2.25 -17.66
CA TYR B 190 -4.45 -2.78 -18.19
C TYR B 190 -5.53 -2.82 -17.11
N LYS B 191 -6.78 -2.53 -17.51
CA LYS B 191 -7.97 -2.66 -16.69
C LYS B 191 -8.31 -4.14 -16.55
N PRO B 192 -8.96 -4.59 -15.45
CA PRO B 192 -9.29 -6.01 -15.28
C PRO B 192 -9.99 -6.65 -16.50
N ASP B 193 -10.84 -5.87 -17.19
CA ASP B 193 -11.60 -6.27 -18.37
C ASP B 193 -10.69 -6.65 -19.55
N GLU B 194 -9.45 -6.10 -19.58
CA GLU B 194 -8.72 -5.94 -20.83
C GLU B 194 -7.93 -7.21 -21.17
N GLY B 195 -7.99 -8.22 -20.29
CA GLY B 195 -7.33 -9.48 -20.62
C GLY B 195 -5.84 -9.49 -20.25
N LYS B 196 -5.06 -8.57 -20.84
CA LYS B 196 -3.62 -8.51 -20.65
C LYS B 196 -3.27 -8.03 -19.23
N ARG B 197 -1.99 -8.18 -18.85
CA ARG B 197 -1.55 -7.68 -17.57
C ARG B 197 -0.07 -7.35 -17.57
N GLY B 198 0.42 -6.86 -16.43
CA GLY B 198 1.81 -6.45 -16.30
C GLY B 198 1.93 -5.19 -15.46
N ASP B 199 3.12 -4.98 -14.88
CA ASP B 199 3.32 -3.85 -14.00
C ASP B 199 4.78 -3.72 -13.59
N ALA B 200 5.13 -2.53 -13.10
CA ALA B 200 6.33 -2.31 -12.32
C ALA B 200 6.19 -2.97 -10.95
N CYS B 201 7.34 -3.15 -10.28
CA CYS B 201 7.39 -3.68 -8.93
C CYS B 201 8.57 -3.11 -8.15
N GLU B 202 8.69 -3.53 -6.87
CA GLU B 202 9.83 -3.17 -6.04
C GLU B 202 11.12 -3.35 -6.85
N GLY B 203 11.95 -2.30 -6.87
CA GLY B 203 13.21 -2.41 -7.57
C GLY B 203 13.16 -1.85 -9.00
N ASP B 204 11.95 -1.51 -9.48
CA ASP B 204 11.80 -0.92 -10.80
C ASP B 204 11.71 0.60 -10.69
N SER B 205 11.47 1.10 -9.48
CA SER B 205 11.38 2.53 -9.22
C SER B 205 12.59 3.24 -9.83
N GLY B 206 12.31 4.43 -10.39
CA GLY B 206 13.37 5.30 -10.89
C GLY B 206 13.70 5.05 -12.35
N GLY B 207 13.27 3.90 -12.88
CA GLY B 207 13.53 3.55 -14.26
C GLY B 207 12.55 4.24 -15.21
N PRO B 208 12.75 4.10 -16.53
CA PRO B 208 12.01 4.93 -17.47
C PRO B 208 10.76 4.27 -18.02
N PHE B 209 9.75 5.12 -18.30
CA PHE B 209 8.61 4.82 -19.15
C PHE B 209 8.79 5.52 -20.49
N VAL B 210 9.03 4.75 -21.56
CA VAL B 210 9.45 5.34 -22.81
C VAL B 210 8.38 5.05 -23.85
N MET B 211 8.28 5.97 -24.83
CA MET B 211 7.43 5.77 -25.98
C MET B 211 8.22 6.08 -27.24
N LYS B 212 7.87 5.38 -28.32
CA LYS B 212 8.52 5.59 -29.60
C LYS B 212 7.68 6.54 -30.43
N SER B 213 8.26 7.69 -30.77
CA SER B 213 7.60 8.63 -31.64
C SER B 213 7.47 8.01 -33.04
N PRO B 214 6.25 7.81 -33.57
CA PRO B 214 6.10 7.38 -34.95
C PRO B 214 6.58 8.45 -35.92
N PHE B 215 6.77 9.69 -35.42
CA PHE B 215 7.13 10.81 -36.25
C PHE B 215 8.62 10.86 -36.55
N ASN B 216 9.47 10.35 -35.64
CA ASN B 216 10.91 10.41 -35.89
C ASN B 216 11.63 9.15 -35.43
N ASN B 217 10.88 8.12 -34.99
CA ASN B 217 11.43 6.84 -34.56
C ASN B 217 12.37 6.93 -33.37
N ARG B 218 12.39 8.05 -32.66
CA ARG B 218 13.25 8.10 -31.49
C ARG B 218 12.43 7.70 -30.25
N TRP B 219 13.10 7.20 -29.21
CA TRP B 219 12.51 6.88 -27.92
C TRP B 219 12.55 8.09 -26.99
N TYR B 220 11.39 8.39 -26.39
CA TYR B 220 11.23 9.46 -25.43
C TYR B 220 10.90 8.86 -24.07
N GLN B 221 11.57 9.38 -23.04
CA GLN B 221 11.21 9.04 -21.67
C GLN B 221 10.11 10.01 -21.25
N MET B 222 8.88 9.48 -21.18
CA MET B 222 7.68 10.20 -20.79
C MET B 222 7.46 10.15 -19.28
N GLY B 223 7.82 9.02 -18.63
CA GLY B 223 7.61 8.84 -17.21
C GLY B 223 8.84 8.30 -16.47
N ILE B 224 8.75 8.36 -15.14
CA ILE B 224 9.64 7.69 -14.21
C ILE B 224 8.78 6.81 -13.32
N VAL B 225 9.18 5.53 -13.20
CA VAL B 225 8.51 4.58 -12.32
C VAL B 225 8.51 5.12 -10.90
N SER B 226 7.32 5.40 -10.36
CA SER B 226 7.23 6.15 -9.10
C SER B 226 6.70 5.30 -7.94
N TRP B 227 5.43 4.91 -7.99
CA TRP B 227 4.78 4.23 -6.87
C TRP B 227 3.59 3.39 -7.35
N GLY B 228 3.21 2.41 -6.51
CA GLY B 228 2.03 1.63 -6.79
C GLY B 228 1.61 0.83 -5.56
N GLU B 229 0.31 0.70 -5.36
CA GLU B 229 -0.22 -0.06 -4.21
C GLU B 229 -0.25 -1.52 -4.60
N GLY B 230 0.90 -2.16 -4.59
CA GLY B 230 1.01 -3.55 -5.02
C GLY B 230 1.66 -3.69 -6.36
N CYS B 231 1.76 -4.92 -6.85
CA CYS B 231 2.32 -5.10 -8.16
C CYS B 231 1.34 -5.96 -8.95
N ASP B 232 0.87 -5.41 -10.07
CA ASP B 232 0.00 -6.13 -10.98
C ASP B 232 -1.29 -6.58 -10.29
N ARG B 233 -1.90 -5.72 -9.47
CA ARG B 233 -3.18 -6.05 -8.87
C ARG B 233 -4.32 -5.52 -9.75
N ASP B 234 -5.34 -6.36 -9.94
CA ASP B 234 -6.55 -5.98 -10.66
C ASP B 234 -7.13 -4.71 -10.06
N GLY B 235 -7.58 -3.79 -10.93
CA GLY B 235 -8.19 -2.55 -10.49
C GLY B 235 -7.18 -1.51 -10.05
N LYS B 236 -5.87 -1.85 -10.05
CA LYS B 236 -4.85 -0.93 -9.57
C LYS B 236 -3.84 -0.64 -10.68
N TYR B 237 -3.20 0.54 -10.63
CA TYR B 237 -2.26 0.98 -11.66
C TYR B 237 -0.99 1.57 -11.04
N GLY B 238 0.13 1.39 -11.75
CA GLY B 238 1.40 2.03 -11.39
C GLY B 238 1.37 3.51 -11.74
N PHE B 239 2.05 4.31 -10.91
CA PHE B 239 2.10 5.75 -11.13
C PHE B 239 3.51 6.13 -11.54
N TYR B 240 3.58 7.13 -12.43
CA TYR B 240 4.80 7.56 -13.09
C TYR B 240 4.95 9.06 -12.93
N THR B 241 6.17 9.51 -12.69
CA THR B 241 6.41 10.94 -12.67
C THR B 241 6.31 11.46 -14.09
N HIS B 242 5.50 12.51 -14.29
CA HIS B 242 5.28 13.15 -15.57
C HIS B 242 6.50 13.97 -15.96
N VAL B 243 7.35 13.44 -16.85
CA VAL B 243 8.66 14.03 -17.06
C VAL B 243 8.52 15.41 -17.70
N PHE B 244 7.73 15.54 -18.76
CA PHE B 244 7.64 16.83 -19.42
C PHE B 244 7.19 17.91 -18.45
N ARG B 245 6.21 17.59 -17.59
CA ARG B 245 5.68 18.56 -16.66
C ARG B 245 6.76 19.00 -15.69
N LEU B 246 7.92 18.33 -15.70
CA LEU B 246 8.96 18.66 -14.75
C LEU B 246 10.26 18.99 -15.48
N LYS B 247 10.13 19.29 -16.78
CA LYS B 247 11.30 19.47 -17.62
C LYS B 247 11.97 20.81 -17.30
N LYS B 248 11.16 21.79 -16.91
CA LYS B 248 11.71 23.11 -16.60
C LYS B 248 12.71 22.95 -15.46
N TRP B 249 12.41 22.02 -14.54
CA TRP B 249 13.28 21.82 -13.40
C TRP B 249 14.51 21.04 -13.85
N ILE B 250 14.34 20.15 -14.83
CA ILE B 250 15.46 19.40 -15.37
C ILE B 250 16.44 20.35 -16.07
N GLN B 251 15.91 21.32 -16.83
CA GLN B 251 16.72 22.31 -17.53
C GLN B 251 17.49 23.15 -16.52
N LYS B 252 16.76 23.69 -15.52
CA LYS B 252 17.35 24.54 -14.50
C LYS B 252 18.59 23.89 -13.89
N VAL B 253 18.55 22.56 -13.71
CA VAL B 253 19.63 21.92 -12.98
C VAL B 253 20.83 21.74 -13.92
N ILE B 254 20.56 21.33 -15.15
CA ILE B 254 21.64 21.01 -16.07
C ILE B 254 22.32 22.30 -16.55
N ASP B 255 21.52 23.31 -16.88
CA ASP B 255 22.04 24.56 -17.45
C ASP B 255 22.86 25.34 -16.41
N GLN B 256 22.65 25.06 -15.11
CA GLN B 256 23.26 25.86 -14.05
C GLN B 256 24.52 25.18 -13.51
N PHE B 257 24.65 23.87 -13.75
CA PHE B 257 25.75 23.08 -13.22
C PHE B 257 26.48 22.38 -14.37
N GLU C 6 -18.23 -5.02 31.94
CA GLU C 6 -17.53 -4.82 33.22
C GLU C 6 -17.26 -6.18 33.86
N ALA C 7 -18.17 -6.62 34.75
CA ALA C 7 -18.17 -7.93 35.38
C ALA C 7 -18.91 -8.97 34.51
N ASP C 8 -19.82 -8.46 33.67
CA ASP C 8 -20.63 -9.17 32.70
C ASP C 8 -19.96 -9.23 31.30
N CYS C 9 -18.76 -8.69 31.14
CA CYS C 9 -18.27 -8.42 29.79
C CYS C 9 -18.12 -9.74 29.02
N GLY C 10 -18.26 -9.64 27.70
CA GLY C 10 -17.94 -10.76 26.83
C GLY C 10 -18.98 -11.87 26.81
N LEU C 11 -20.08 -11.67 27.55
CA LEU C 11 -21.21 -12.59 27.56
C LEU C 11 -22.38 -11.92 26.86
N ARG C 12 -22.79 -12.45 25.71
CA ARG C 12 -23.77 -11.78 24.87
C ARG C 12 -25.18 -12.15 25.34
N PRO C 13 -26.04 -11.16 25.66
CA PRO C 13 -27.46 -11.39 25.91
C PRO C 13 -28.18 -12.41 25.03
N LEU C 14 -27.96 -12.35 23.72
CA LEU C 14 -28.77 -13.20 22.84
C LEU C 14 -28.06 -14.53 22.58
N PHE C 15 -26.85 -14.71 23.12
CA PHE C 15 -26.13 -15.97 22.93
C PHE C 15 -25.76 -16.64 24.26
N GLU C 16 -24.61 -16.26 24.84
CA GLU C 16 -24.06 -16.95 26.02
C GLU C 16 -25.04 -16.91 27.19
N LYS C 17 -25.70 -15.77 27.43
CA LYS C 17 -26.61 -15.70 28.55
C LYS C 17 -27.74 -16.73 28.37
N LYS C 18 -28.07 -17.06 27.12
CA LYS C 18 -29.19 -17.93 26.82
C LYS C 18 -28.70 -19.33 26.45
N SER C 19 -27.38 -19.56 26.56
CA SER C 19 -26.76 -20.84 26.25
C SER C 19 -26.91 -21.24 24.79
N LEU C 20 -26.99 -20.25 23.87
CA LEU C 20 -27.06 -20.50 22.44
C LEU C 20 -25.72 -20.19 21.78
N GLU C 21 -25.44 -20.86 20.68
CA GLU C 21 -24.22 -20.57 19.96
C GLU C 21 -24.54 -19.81 18.67
N ASP C 22 -23.64 -18.91 18.28
CA ASP C 22 -23.72 -18.33 16.94
C ASP C 22 -23.27 -19.39 15.93
N LYS C 23 -23.57 -19.15 14.65
CA LYS C 23 -23.33 -20.18 13.65
C LYS C 23 -21.86 -20.50 13.49
N THR C 24 -20.97 -19.53 13.67
CA THR C 24 -19.59 -19.81 13.29
C THR C 24 -18.63 -19.86 14.49
N GLU C 25 -19.15 -20.03 15.71
CA GLU C 25 -18.23 -19.84 16.82
C GLU C 25 -17.44 -21.12 17.09
N ARG C 26 -18.01 -22.27 16.71
CA ARG C 26 -17.35 -23.56 16.93
C ARG C 26 -16.15 -23.66 16.01
N GLU C 27 -16.22 -22.96 14.87
CA GLU C 27 -15.11 -22.84 13.95
C GLU C 27 -13.93 -22.17 14.66
N LEU C 28 -14.20 -21.25 15.58
CA LEU C 28 -13.11 -20.67 16.35
C LEU C 28 -12.63 -21.68 17.40
N LEU C 29 -13.56 -22.44 17.99
CA LEU C 29 -13.19 -23.36 19.07
C LEU C 29 -12.34 -24.50 18.52
N GLU C 30 -12.64 -24.94 17.29
CA GLU C 30 -11.93 -26.05 16.67
C GLU C 30 -10.50 -25.68 16.28
N SER C 31 -10.18 -24.39 16.26
CA SER C 31 -8.84 -23.99 15.89
C SER C 31 -7.92 -24.05 17.09
N TYR C 32 -8.50 -24.16 18.30
CA TYR C 32 -7.72 -24.15 19.54
C TYR C 32 -7.04 -25.51 19.72
N ILE C 33 -7.69 -26.55 19.22
CA ILE C 33 -7.08 -27.86 19.02
C ILE C 33 -5.94 -27.73 17.99
N ILE D 1 -15.54 -5.43 5.25
CA ILE D 1 -15.11 -6.83 5.37
C ILE D 1 -15.19 -7.46 4.00
N VAL D 2 -14.07 -8.05 3.55
CA VAL D 2 -14.08 -8.70 2.27
C VAL D 2 -14.26 -10.20 2.47
N GLU D 3 -15.19 -10.78 1.69
CA GLU D 3 -15.38 -12.22 1.61
C GLU D 3 -15.76 -12.76 3.00
N GLY D 4 -16.58 -11.99 3.71
CA GLY D 4 -17.15 -12.41 4.99
C GLY D 4 -18.66 -12.57 4.82
N SER D 5 -19.40 -12.43 5.92
CA SER D 5 -20.84 -12.63 5.83
C SER D 5 -21.60 -11.80 6.87
N ASP D 6 -22.91 -11.73 6.66
CA ASP D 6 -23.81 -10.95 7.47
C ASP D 6 -23.77 -11.47 8.91
N ALA D 7 -23.79 -10.55 9.87
CA ALA D 7 -23.83 -10.90 11.27
C ALA D 7 -25.25 -11.27 11.72
N GLU D 8 -25.34 -12.29 12.55
CA GLU D 8 -26.56 -12.55 13.32
C GLU D 8 -26.86 -11.35 14.22
N ILE D 9 -28.14 -11.20 14.55
CA ILE D 9 -28.60 -10.16 15.46
C ILE D 9 -27.95 -10.42 16.83
N GLY D 10 -27.30 -9.40 17.38
CA GLY D 10 -26.75 -9.47 18.72
C GLY D 10 -25.42 -10.19 18.78
N MET D 11 -24.88 -10.52 17.61
CA MET D 11 -23.65 -11.29 17.48
C MET D 11 -22.46 -10.49 18.05
N SER D 12 -22.51 -9.17 17.92
CA SER D 12 -21.36 -8.34 18.23
C SER D 12 -21.81 -7.08 18.98
N PRO D 13 -22.38 -7.23 20.19
CA PRO D 13 -23.07 -6.10 20.82
C PRO D 13 -22.11 -5.05 21.39
N TRP D 14 -20.80 -5.32 21.32
CA TRP D 14 -19.83 -4.30 21.65
C TRP D 14 -19.43 -3.51 20.39
N GLN D 15 -20.05 -3.80 19.25
CA GLN D 15 -19.72 -3.08 18.03
C GLN D 15 -20.04 -1.59 18.19
N VAL D 16 -19.15 -0.72 17.70
CA VAL D 16 -19.42 0.70 17.69
C VAL D 16 -19.05 1.21 16.31
N MET D 17 -19.85 2.13 15.75
CA MET D 17 -19.50 2.83 14.53
C MET D 17 -19.04 4.25 14.86
N LEU D 18 -17.94 4.70 14.24
CA LEU D 18 -17.48 6.07 14.41
C LEU D 18 -17.96 6.89 13.22
N PHE D 19 -18.66 8.00 13.47
CA PHE D 19 -19.07 8.87 12.37
C PHE D 19 -18.46 10.26 12.49
N ARG D 20 -18.26 10.87 11.32
CA ARG D 20 -18.09 12.31 11.20
C ARG D 20 -19.47 12.96 11.34
N LYS D 21 -19.55 14.00 12.20
CA LYS D 21 -20.78 14.76 12.41
C LYS D 21 -21.30 15.36 11.10
N SER D 22 -20.49 16.22 10.45
CA SER D 22 -20.84 16.68 9.11
C SER D 22 -19.60 16.96 8.25
N PRO D 23 -19.58 16.57 6.95
CA PRO D 23 -20.63 15.75 6.32
C PRO D 23 -20.88 14.43 7.07
N GLN D 24 -22.11 13.92 7.01
CA GLN D 24 -22.45 12.78 7.82
C GLN D 24 -21.94 11.52 7.12
N GLU D 25 -20.79 11.01 7.60
CA GLU D 25 -20.00 10.00 6.91
C GLU D 25 -19.54 8.92 7.89
N LEU D 26 -19.61 7.65 7.48
CA LEU D 26 -19.02 6.59 8.31
C LEU D 26 -17.50 6.67 8.27
N LEU D 27 -16.87 6.49 9.43
CA LEU D 27 -15.46 6.76 9.49
C LEU D 27 -14.71 5.46 9.74
N CYS D 28 -15.04 4.78 10.83
CA CYS D 28 -14.23 3.67 11.30
C CYS D 28 -15.09 2.77 12.17
N GLY D 29 -14.54 1.61 12.52
CA GLY D 29 -15.06 0.78 13.60
C GLY D 29 -14.56 1.22 14.97
N ALA D 30 -15.10 0.58 16.02
CA ALA D 30 -14.73 0.80 17.41
C ALA D 30 -15.39 -0.28 18.23
N SER D 31 -14.96 -0.42 19.48
CA SER D 31 -15.60 -1.38 20.36
C SER D 31 -15.95 -0.71 21.67
N LEU D 32 -17.01 -1.21 22.33
CA LEU D 32 -17.43 -0.71 23.63
C LEU D 32 -16.77 -1.54 24.73
N ILE D 33 -16.00 -0.88 25.60
CA ILE D 33 -15.30 -1.63 26.64
C ILE D 33 -15.84 -1.32 28.03
N SER D 34 -16.82 -0.42 28.13
CA SER D 34 -17.55 -0.22 29.38
C SER D 34 -18.75 0.65 29.02
N ASP D 35 -19.48 1.16 30.02
CA ASP D 35 -20.63 2.02 29.75
C ASP D 35 -20.16 3.38 29.22
N ARG D 36 -18.87 3.70 29.38
CA ARG D 36 -18.39 5.06 29.14
C ARG D 36 -17.21 5.09 28.15
N TRP D 37 -16.54 3.95 27.94
CA TRP D 37 -15.29 3.97 27.17
C TRP D 37 -15.44 3.18 25.88
N VAL D 38 -14.97 3.78 24.79
CA VAL D 38 -14.94 3.14 23.48
C VAL D 38 -13.48 3.07 23.01
N LEU D 39 -13.08 1.89 22.52
CA LEU D 39 -11.72 1.63 22.04
C LEU D 39 -11.72 1.64 20.50
N THR D 40 -10.73 2.33 19.90
CA THR D 40 -10.60 2.46 18.46
C THR D 40 -9.13 2.47 18.05
N ALA D 41 -8.89 2.62 16.75
CA ALA D 41 -7.54 2.84 16.24
C ALA D 41 -7.25 4.35 16.14
N ALA D 42 -6.06 4.75 16.61
CA ALA D 42 -5.65 6.16 16.59
C ALA D 42 -5.71 6.75 15.17
N HIS D 43 -5.33 5.95 14.15
CA HIS D 43 -5.21 6.49 12.80
C HIS D 43 -6.57 6.86 12.26
N CYS D 44 -7.61 6.41 12.96
CA CYS D 44 -8.98 6.81 12.66
C CYS D 44 -9.22 8.29 12.96
N LEU D 45 -8.45 8.83 13.91
CA LEU D 45 -8.62 10.19 14.39
C LEU D 45 -7.44 11.06 13.92
N LEU D 46 -6.23 10.49 13.90
CA LEU D 46 -5.07 11.31 13.59
C LEU D 46 -4.14 10.65 12.57
N TYR D 47 -4.07 11.27 11.37
CA TYR D 47 -3.11 10.87 10.35
C TYR D 47 -2.67 12.10 9.57
N PRO D 48 -1.73 12.90 10.13
CA PRO D 48 -1.28 14.16 9.51
C PRO D 48 -0.95 14.10 8.00
N PRO D 49 -0.31 13.04 7.47
CA PRO D 49 -0.02 12.99 6.03
C PRO D 49 -1.27 13.09 5.14
N TRP D 50 -2.47 12.97 5.72
CA TRP D 50 -3.70 13.02 4.93
C TRP D 50 -4.64 14.12 5.41
N ASP D 51 -4.14 15.03 6.27
CA ASP D 51 -4.95 16.14 6.77
C ASP D 51 -6.04 15.64 7.69
N LYS D 52 -5.68 14.79 8.66
CA LYS D 52 -6.64 14.10 9.50
C LYS D 52 -6.21 14.33 10.94
N ASN D 53 -6.90 15.25 11.63
CA ASN D 53 -6.71 15.51 13.05
C ASN D 53 -8.05 15.83 13.70
N PHE D 54 -8.93 14.83 13.85
CA PHE D 54 -10.29 15.02 14.33
C PHE D 54 -10.32 15.30 15.82
N THR D 55 -11.23 16.21 16.23
CA THR D 55 -11.49 16.48 17.64
C THR D 55 -12.88 15.97 18.01
N GLU D 56 -13.09 15.87 19.34
CA GLU D 56 -14.29 15.34 19.99
C GLU D 56 -15.56 15.95 19.39
N ASN D 57 -15.46 17.19 18.90
CA ASN D 57 -16.64 17.91 18.48
C ASN D 57 -16.93 17.72 16.98
N ASP D 58 -16.21 16.79 16.32
CA ASP D 58 -16.43 16.49 14.92
C ASP D 58 -17.12 15.13 14.75
N LEU D 59 -17.20 14.39 15.87
CA LEU D 59 -17.45 12.96 15.82
C LEU D 59 -18.69 12.63 16.65
N LEU D 60 -19.36 11.53 16.26
CA LEU D 60 -20.28 10.84 17.15
C LEU D 60 -20.16 9.32 16.97
N VAL D 61 -20.71 8.57 17.93
CA VAL D 61 -20.66 7.12 17.86
C VAL D 61 -22.08 6.55 17.91
N ARG D 62 -22.27 5.48 17.14
CA ARG D 62 -23.50 4.71 17.12
C ARG D 62 -23.24 3.33 17.73
N ILE D 63 -24.01 2.97 18.75
CA ILE D 63 -23.91 1.67 19.41
C ILE D 63 -25.25 0.93 19.24
N GLY D 64 -25.16 -0.36 18.88
CA GLY D 64 -26.30 -1.26 18.85
C GLY D 64 -26.96 -1.49 17.49
N LYS D 65 -26.24 -1.24 16.38
CA LYS D 65 -26.88 -1.47 15.08
C LYS D 65 -26.36 -2.72 14.37
N HIS D 66 -27.20 -3.26 13.46
CA HIS D 66 -26.96 -4.48 12.71
C HIS D 66 -26.60 -4.13 11.25
N GLU D 72 -32.65 2.79 13.11
CA GLU D 72 -32.63 3.70 14.29
C GLU D 72 -34.02 3.75 14.95
N ARG D 73 -34.51 2.63 15.49
CA ARG D 73 -35.72 2.65 16.32
C ARG D 73 -35.49 1.81 17.57
N ASN D 74 -35.29 2.49 18.71
CA ASN D 74 -35.39 1.87 20.02
C ASN D 74 -34.20 0.95 20.26
N ILE D 75 -33.17 1.06 19.42
CA ILE D 75 -32.09 0.09 19.51
C ILE D 75 -30.78 0.87 19.47
N GLU D 76 -30.75 1.93 18.65
CA GLU D 76 -29.52 2.56 18.20
C GLU D 76 -29.27 3.81 19.04
N LYS D 77 -28.16 3.79 19.80
CA LYS D 77 -27.82 4.92 20.65
C LYS D 77 -26.72 5.72 19.97
N ILE D 78 -27.05 6.98 19.65
CA ILE D 78 -26.08 7.93 19.16
C ILE D 78 -25.61 8.72 20.38
N SER D 79 -24.29 8.85 20.56
CA SER D 79 -23.80 9.69 21.64
C SER D 79 -22.53 10.46 21.26
N MET D 80 -22.37 11.60 21.95
CA MET D 80 -21.30 12.56 21.72
C MET D 80 -20.04 12.05 22.41
N LEU D 81 -18.89 12.48 21.88
CA LEU D 81 -17.63 12.20 22.53
C LEU D 81 -17.30 13.37 23.47
N GLU D 82 -16.89 13.03 24.70
CA GLU D 82 -16.49 14.04 25.66
C GLU D 82 -15.00 14.35 25.50
N LYS D 83 -14.20 13.34 25.18
CA LYS D 83 -12.77 13.52 25.13
C LYS D 83 -12.13 12.36 24.36
N ILE D 84 -11.21 12.71 23.45
CA ILE D 84 -10.39 11.79 22.68
C ILE D 84 -9.10 11.58 23.47
N TYR D 85 -8.50 10.38 23.37
CA TYR D 85 -7.16 10.16 23.89
C TYR D 85 -6.35 9.29 22.93
N ILE D 86 -5.32 9.87 22.30
CA ILE D 86 -4.45 9.12 21.40
C ILE D 86 -3.25 8.66 22.23
N HIS D 87 -2.78 7.43 21.98
CA HIS D 87 -1.61 6.94 22.70
C HIS D 87 -0.45 7.87 22.38
N PRO D 88 0.30 8.36 23.41
CA PRO D 88 1.32 9.40 23.18
C PRO D 88 2.40 8.99 22.17
N ARG D 89 2.86 7.73 22.23
CA ARG D 89 3.93 7.26 21.36
C ARG D 89 3.38 6.59 20.10
N TYR D 90 2.20 7.02 19.66
CA TYR D 90 1.64 6.50 18.43
C TYR D 90 2.49 6.98 17.26
N ASN D 91 3.09 6.03 16.53
CA ASN D 91 4.07 6.34 15.50
C ASN D 91 3.40 6.43 14.13
N TRP D 92 2.88 7.62 13.79
CA TRP D 92 2.21 7.78 12.51
C TRP D 92 3.20 8.08 11.38
N ARG D 93 4.42 8.52 11.72
CA ARG D 93 5.35 8.99 10.70
C ARG D 93 5.95 7.81 9.93
N GLU D 94 5.84 6.60 10.52
CA GLU D 94 6.62 5.44 10.08
C GLU D 94 5.74 4.23 9.81
N ASN D 95 5.11 3.66 10.85
CA ASN D 95 4.59 2.30 10.73
C ASN D 95 3.28 2.09 11.50
N LEU D 96 2.64 3.17 11.94
CA LEU D 96 1.42 3.07 12.73
C LEU D 96 1.63 2.17 13.95
N ASP D 97 2.81 2.24 14.57
CA ASP D 97 3.05 1.53 15.81
C ASP D 97 2.18 2.14 16.91
N ARG D 98 1.62 1.27 17.77
CA ARG D 98 0.74 1.70 18.85
C ARG D 98 -0.44 2.49 18.28
N ASP D 99 -1.20 1.85 17.38
CA ASP D 99 -2.37 2.44 16.74
C ASP D 99 -3.61 2.23 17.60
N ILE D 100 -3.80 3.11 18.59
CA ILE D 100 -4.80 2.88 19.62
C ILE D 100 -5.25 4.22 20.17
N ALA D 101 -6.57 4.33 20.36
CA ALA D 101 -7.20 5.52 20.89
C ALA D 101 -8.36 5.14 21.81
N LEU D 102 -8.54 5.91 22.88
CA LEU D 102 -9.70 5.78 23.74
C LEU D 102 -10.62 6.98 23.53
N MET D 103 -11.91 6.74 23.71
CA MET D 103 -12.88 7.80 23.60
C MET D 103 -13.85 7.64 24.75
N LYS D 104 -14.01 8.70 25.55
CA LYS D 104 -15.02 8.72 26.59
C LYS D 104 -16.27 9.38 26.02
N LEU D 105 -17.41 8.72 26.24
CA LEU D 105 -18.69 9.25 25.80
C LEU D 105 -19.12 10.33 26.78
N LYS D 106 -19.88 11.31 26.26
CA LYS D 106 -20.51 12.34 27.07
C LYS D 106 -21.29 11.68 28.22
N LYS D 107 -22.34 10.91 27.88
CA LYS D 107 -23.15 10.23 28.86
C LYS D 107 -23.02 8.71 28.73
N PRO D 108 -23.04 7.96 29.85
CA PRO D 108 -22.89 6.50 29.81
C PRO D 108 -24.04 5.88 29.01
N VAL D 109 -23.75 4.77 28.32
CA VAL D 109 -24.77 4.07 27.53
C VAL D 109 -25.46 3.03 28.41
N ALA D 110 -26.73 2.74 28.11
CA ALA D 110 -27.46 1.72 28.83
C ALA D 110 -27.28 0.41 28.08
N PHE D 111 -26.95 -0.66 28.82
CA PHE D 111 -26.77 -1.97 28.19
C PHE D 111 -28.14 -2.54 27.84
N SER D 112 -28.18 -3.41 26.80
CA SER D 112 -29.41 -4.06 26.36
C SER D 112 -29.01 -5.37 25.70
N ASP D 113 -29.92 -5.98 24.93
CA ASP D 113 -29.63 -7.22 24.22
C ASP D 113 -28.67 -6.97 23.06
N TYR D 114 -28.50 -5.69 22.68
CA TYR D 114 -27.80 -5.31 21.46
C TYR D 114 -26.57 -4.46 21.79
N ILE D 115 -26.43 -4.10 23.07
CA ILE D 115 -25.35 -3.25 23.53
C ILE D 115 -24.79 -3.91 24.78
N HIS D 116 -23.55 -4.38 24.68
CA HIS D 116 -22.91 -5.08 25.77
C HIS D 116 -21.41 -4.96 25.56
N PRO D 117 -20.62 -4.66 26.60
CA PRO D 117 -19.16 -4.52 26.42
C PRO D 117 -18.47 -5.87 26.28
N VAL D 118 -17.30 -5.81 25.66
CA VAL D 118 -16.38 -6.92 25.47
C VAL D 118 -15.32 -6.84 26.57
N CYS D 119 -14.65 -7.97 26.85
CA CYS D 119 -13.58 -8.05 27.84
C CYS D 119 -12.22 -7.78 27.18
N LEU D 120 -11.36 -7.04 27.90
CA LEU D 120 -9.96 -6.89 27.54
C LEU D 120 -9.18 -8.07 28.10
N PRO D 121 -8.19 -8.58 27.33
CA PRO D 121 -7.46 -9.77 27.74
C PRO D 121 -6.52 -9.64 28.94
N ASP D 122 -6.43 -10.71 29.73
CA ASP D 122 -5.49 -10.75 30.87
C ASP D 122 -4.24 -11.48 30.38
N ARG D 123 -3.11 -11.26 31.02
CA ARG D 123 -1.83 -11.87 30.57
C ARG D 123 -2.04 -13.32 30.16
N GLU D 124 -2.83 -14.08 30.91
CA GLU D 124 -2.99 -15.52 30.64
C GLU D 124 -3.81 -15.73 29.39
N THR D 125 -4.93 -15.01 29.28
CA THR D 125 -5.81 -15.15 28.09
C THR D 125 -4.99 -14.73 26.88
N ALA D 126 -4.17 -13.69 27.04
CA ALA D 126 -3.35 -13.22 25.94
C ALA D 126 -2.44 -14.33 25.42
N ALA D 127 -1.81 -15.08 26.33
CA ALA D 127 -0.78 -16.04 26.00
C ALA D 127 -1.41 -17.38 25.61
N SER D 128 -2.63 -17.61 26.11
CA SER D 128 -3.32 -18.85 25.81
C SER D 128 -3.84 -18.81 24.39
N LEU D 129 -4.25 -17.63 23.94
CA LEU D 129 -5.14 -17.53 22.78
C LEU D 129 -4.43 -16.88 21.60
N LEU D 130 -3.54 -15.92 21.87
CA LEU D 130 -2.81 -15.25 20.80
C LEU D 130 -1.71 -16.17 20.29
N GLN D 131 -2.12 -17.14 19.47
CA GLN D 131 -1.19 -18.10 18.90
C GLN D 131 -1.54 -18.33 17.43
N ALA D 132 -0.49 -18.50 16.62
CA ALA D 132 -0.61 -18.82 15.21
C ALA D 132 -1.51 -20.04 15.03
N GLY D 133 -2.42 -19.94 14.06
CA GLY D 133 -3.34 -21.01 13.73
C GLY D 133 -4.69 -20.84 14.43
N TYR D 134 -4.68 -20.18 15.59
CA TYR D 134 -5.90 -19.93 16.36
C TYR D 134 -6.68 -18.82 15.66
N LYS D 135 -8.00 -18.98 15.57
CA LYS D 135 -8.81 -18.04 14.78
C LYS D 135 -9.55 -17.06 15.68
N GLY D 136 -9.69 -15.85 15.18
CA GLY D 136 -10.45 -14.81 15.84
C GLY D 136 -11.43 -14.24 14.83
N ARG D 137 -12.19 -13.25 15.27
CA ARG D 137 -13.32 -12.79 14.49
C ARG D 137 -13.18 -11.28 14.28
N VAL D 138 -13.44 -10.84 13.06
CA VAL D 138 -13.39 -9.42 12.75
C VAL D 138 -14.78 -9.01 12.26
N THR D 139 -15.25 -7.87 12.78
CA THR D 139 -16.56 -7.37 12.38
C THR D 139 -16.42 -5.91 11.98
N GLY D 140 -17.25 -5.46 11.03
CA GLY D 140 -17.25 -4.05 10.68
C GLY D 140 -18.19 -3.71 9.53
N TRP D 141 -18.31 -2.42 9.25
CA TRP D 141 -19.19 -1.91 8.20
C TRP D 141 -18.39 -1.41 6.99
N GLY D 142 -17.14 -1.85 6.87
CA GLY D 142 -16.24 -1.34 5.84
C GLY D 142 -16.52 -2.02 4.50
N ASN D 143 -15.68 -1.71 3.51
CA ASN D 143 -15.94 -2.11 2.14
C ASN D 143 -15.93 -3.63 2.01
N LEU D 144 -16.70 -4.12 1.04
CA LEU D 144 -16.85 -5.52 0.68
C LEU D 144 -15.78 -5.91 -0.33
N LYS D 145 -15.20 -4.89 -0.98
CA LYS D 145 -14.22 -5.10 -2.04
C LYS D 145 -13.16 -3.99 -1.94
N GLU D 146 -11.94 -4.30 -2.38
CA GLU D 146 -10.85 -3.34 -2.37
C GLU D 146 -11.18 -2.16 -3.29
N THR D 147 -11.50 -2.46 -4.56
CA THR D 147 -12.00 -1.48 -5.51
C THR D 147 -13.26 -2.03 -6.18
N TRP D 148 -14.11 -1.12 -6.65
CA TRP D 148 -15.31 -1.48 -7.42
C TRP D 148 -15.67 -0.30 -8.33
N THR D 149 -16.37 -0.61 -9.43
CA THR D 149 -17.01 0.41 -10.25
C THR D 149 -18.31 0.87 -9.57
N ALA D 150 -18.31 2.12 -9.07
CA ALA D 150 -19.45 2.75 -8.41
C ALA D 150 -20.69 2.65 -9.30
N ASN D 151 -21.81 2.17 -8.73
CA ASN D 151 -23.09 1.99 -9.41
C ASN D 151 -23.08 0.79 -10.35
N VAL D 152 -21.98 0.02 -10.37
CA VAL D 152 -21.97 -1.27 -11.06
C VAL D 152 -21.80 -2.41 -10.05
N GLY D 153 -20.71 -2.39 -9.26
CA GLY D 153 -20.49 -3.34 -8.17
C GLY D 153 -21.13 -2.89 -6.85
N LYS D 154 -21.10 -3.76 -5.82
CA LYS D 154 -21.77 -3.48 -4.57
C LYS D 154 -20.92 -2.59 -3.65
N GLY D 155 -19.75 -3.08 -3.23
CA GLY D 155 -18.82 -2.20 -2.52
C GLY D 155 -19.13 -2.02 -1.03
N GLN D 156 -20.33 -1.56 -0.66
CA GLN D 156 -20.57 -1.23 0.74
C GLN D 156 -21.69 -2.09 1.32
N PRO D 157 -21.54 -2.60 2.56
CA PRO D 157 -22.50 -3.55 3.11
C PRO D 157 -23.76 -2.86 3.64
N SER D 158 -24.88 -3.58 3.64
CA SER D 158 -26.07 -3.05 4.27
C SER D 158 -26.20 -3.60 5.68
N VAL D 159 -25.48 -4.68 6.03
CA VAL D 159 -25.48 -5.13 7.41
C VAL D 159 -24.07 -5.43 7.90
N LEU D 160 -23.91 -5.33 9.22
CA LEU D 160 -22.64 -5.62 9.84
C LEU D 160 -22.09 -6.91 9.26
N GLN D 161 -20.79 -6.91 8.93
CA GLN D 161 -20.18 -8.07 8.31
C GLN D 161 -19.20 -8.72 9.30
N VAL D 162 -19.08 -10.05 9.21
CA VAL D 162 -18.22 -10.82 10.10
C VAL D 162 -17.37 -11.79 9.29
N VAL D 163 -16.13 -11.99 9.75
CA VAL D 163 -15.25 -12.99 9.17
C VAL D 163 -14.35 -13.53 10.29
N ASN D 164 -14.15 -14.85 10.29
CA ASN D 164 -13.18 -15.51 11.16
C ASN D 164 -11.88 -15.70 10.37
N LEU D 165 -10.76 -15.31 11.00
CA LEU D 165 -9.44 -15.35 10.37
C LEU D 165 -8.41 -15.97 11.31
N PRO D 166 -7.49 -16.82 10.80
CA PRO D 166 -6.45 -17.44 11.62
C PRO D 166 -5.29 -16.49 11.90
N ILE D 167 -4.77 -16.51 13.15
CA ILE D 167 -3.61 -15.71 13.50
C ILE D 167 -2.40 -16.26 12.75
N VAL D 168 -1.49 -15.38 12.34
CA VAL D 168 -0.38 -15.81 11.50
C VAL D 168 0.89 -15.72 12.30
N GLU D 169 1.85 -16.62 12.03
CA GLU D 169 3.16 -16.65 12.67
C GLU D 169 3.88 -15.34 12.39
N ARG D 170 4.53 -14.79 13.42
CA ARG D 170 5.27 -13.54 13.32
C ARG D 170 6.32 -13.56 12.21
N PRO D 171 7.11 -14.65 11.99
CA PRO D 171 8.04 -14.73 10.86
C PRO D 171 7.38 -14.48 9.50
N VAL D 172 6.21 -15.10 9.30
CA VAL D 172 5.45 -14.90 8.07
C VAL D 172 4.89 -13.50 7.96
N CYS D 173 4.42 -12.91 9.06
CA CYS D 173 3.97 -11.52 9.03
C CYS D 173 5.09 -10.62 8.53
N LYS D 174 6.28 -10.72 9.18
CA LYS D 174 7.46 -9.91 8.85
C LYS D 174 7.82 -10.01 7.37
N ASP D 175 7.81 -11.24 6.83
CA ASP D 175 8.27 -11.55 5.49
C ASP D 175 7.24 -11.15 4.44
N SER D 176 6.00 -10.87 4.85
CA SER D 176 4.94 -10.58 3.89
C SER D 176 4.89 -9.09 3.53
N THR D 177 5.73 -8.28 4.16
CA THR D 177 5.61 -6.84 3.97
C THR D 177 6.97 -6.20 4.21
N ARG D 178 7.18 -5.01 3.62
CA ARG D 178 8.41 -4.23 3.78
C ARG D 178 8.27 -3.29 4.96
N ILE D 179 7.05 -3.17 5.49
CA ILE D 179 6.79 -2.31 6.64
C ILE D 179 7.55 -2.87 7.84
N ARG D 180 8.13 -1.96 8.65
CA ARG D 180 8.72 -2.34 9.92
C ARG D 180 7.60 -2.63 10.92
N ILE D 181 7.42 -3.93 11.24
CA ILE D 181 6.35 -4.37 12.10
C ILE D 181 6.87 -4.53 13.54
N THR D 182 6.11 -4.02 14.50
CA THR D 182 6.59 -4.06 15.88
C THR D 182 5.85 -5.19 16.60
N ASP D 183 6.09 -5.26 17.90
CA ASP D 183 5.50 -6.28 18.75
C ASP D 183 4.15 -5.81 19.27
N ASN D 184 3.78 -4.56 18.98
CA ASN D 184 2.48 -4.00 19.31
C ASN D 184 1.47 -4.28 18.20
N MET D 185 1.79 -5.24 17.35
CA MET D 185 0.87 -5.61 16.30
C MET D 185 1.03 -7.09 16.00
N PHE D 186 -0.08 -7.75 15.68
CA PHE D 186 -0.03 -9.08 15.09
C PHE D 186 -0.79 -9.04 13.78
N CYS D 187 -0.65 -10.10 12.97
CA CYS D 187 -1.34 -10.10 11.70
C CYS D 187 -2.18 -11.36 11.63
N ALA D 188 -3.20 -11.34 10.75
CA ALA D 188 -4.10 -12.48 10.61
C ALA D 188 -4.56 -12.62 9.16
N GLY D 189 -5.10 -13.78 8.80
CA GLY D 189 -5.53 -14.01 7.44
C GLY D 189 -5.09 -15.39 6.93
N TYR D 190 -5.80 -15.91 5.93
CA TYR D 190 -5.46 -17.18 5.35
C TYR D 190 -4.26 -17.03 4.40
N LYS D 191 -3.38 -18.04 4.43
CA LYS D 191 -2.29 -18.21 3.47
C LYS D 191 -2.90 -18.61 2.12
N PRO D 192 -2.21 -18.37 0.99
CA PRO D 192 -2.75 -18.75 -0.32
C PRO D 192 -2.97 -20.26 -0.46
N ASP D 193 -2.22 -21.08 0.30
CA ASP D 193 -2.38 -22.54 0.29
C ASP D 193 -3.80 -22.91 0.73
N GLU D 194 -4.34 -22.19 1.72
CA GLU D 194 -5.40 -22.73 2.57
C GLU D 194 -6.75 -22.73 1.85
N GLY D 195 -6.87 -22.00 0.73
CA GLY D 195 -8.14 -22.04 0.02
C GLY D 195 -9.17 -21.01 0.50
N LYS D 196 -9.34 -20.87 1.83
CA LYS D 196 -10.23 -19.86 2.39
C LYS D 196 -9.68 -18.46 2.17
N ARG D 197 -10.56 -17.46 2.37
CA ARG D 197 -10.22 -16.05 2.18
C ARG D 197 -10.94 -15.23 3.24
N GLY D 198 -10.77 -13.91 3.13
CA GLY D 198 -11.36 -12.95 4.06
C GLY D 198 -10.30 -11.98 4.54
N ASP D 199 -10.74 -10.76 4.90
CA ASP D 199 -9.88 -9.70 5.41
C ASP D 199 -10.74 -8.51 5.80
N ALA D 200 -10.21 -7.67 6.70
CA ALA D 200 -10.74 -6.34 6.93
C ALA D 200 -10.46 -5.48 5.69
N CYS D 201 -11.12 -4.32 5.63
CA CYS D 201 -10.93 -3.41 4.51
C CYS D 201 -11.27 -2.00 4.95
N GLU D 202 -11.13 -1.05 4.01
CA GLU D 202 -11.37 0.34 4.32
C GLU D 202 -12.72 0.48 5.04
N GLY D 203 -12.68 1.15 6.20
CA GLY D 203 -13.85 1.41 7.03
C GLY D 203 -13.97 0.45 8.21
N ASP D 204 -13.13 -0.61 8.20
CA ASP D 204 -13.10 -1.60 9.26
C ASP D 204 -12.08 -1.23 10.34
N SER D 205 -11.20 -0.26 10.04
CA SER D 205 -10.18 0.15 10.99
C SER D 205 -10.80 0.52 12.34
N GLY D 206 -10.09 0.20 13.43
CA GLY D 206 -10.57 0.60 14.75
C GLY D 206 -11.50 -0.43 15.40
N GLY D 207 -12.17 -1.24 14.56
CA GLY D 207 -13.07 -2.29 15.01
C GLY D 207 -12.31 -3.39 15.75
N PRO D 208 -13.04 -4.35 16.37
CA PRO D 208 -12.42 -5.36 17.22
C PRO D 208 -12.01 -6.62 16.46
N PHE D 209 -10.96 -7.26 16.95
CA PHE D 209 -10.61 -8.62 16.60
C PHE D 209 -10.79 -9.43 17.87
N VAL D 210 -11.78 -10.32 17.88
CA VAL D 210 -12.17 -10.93 19.14
C VAL D 210 -11.92 -12.44 19.10
N MET D 211 -11.81 -13.01 20.28
CA MET D 211 -11.70 -14.46 20.38
C MET D 211 -12.52 -14.91 21.58
N LYS D 212 -13.14 -16.09 21.43
CA LYS D 212 -13.91 -16.66 22.52
C LYS D 212 -13.00 -17.55 23.37
N SER D 213 -12.94 -17.25 24.66
CA SER D 213 -12.13 -18.05 25.56
C SER D 213 -12.84 -19.38 25.77
N PRO D 214 -12.17 -20.51 25.47
CA PRO D 214 -12.76 -21.83 25.73
C PRO D 214 -12.71 -22.22 27.20
N PHE D 215 -12.17 -21.33 28.06
CA PHE D 215 -12.09 -21.66 29.48
C PHE D 215 -13.24 -21.02 30.26
N ASN D 216 -13.66 -19.79 29.91
CA ASN D 216 -14.71 -19.10 30.65
C ASN D 216 -15.92 -18.77 29.76
N ASN D 217 -15.81 -19.10 28.45
CA ASN D 217 -16.88 -18.93 27.48
C ASN D 217 -17.17 -17.45 27.20
N ARG D 218 -16.17 -16.57 27.36
CA ARG D 218 -16.32 -15.14 27.20
C ARG D 218 -15.50 -14.64 26.02
N TRP D 219 -15.91 -13.50 25.46
CA TRP D 219 -15.24 -12.94 24.28
C TRP D 219 -14.21 -11.89 24.70
N TYR D 220 -13.01 -11.95 24.10
CA TYR D 220 -11.94 -11.03 24.45
C TYR D 220 -11.47 -10.29 23.21
N GLN D 221 -11.26 -8.97 23.33
CA GLN D 221 -10.72 -8.26 22.18
C GLN D 221 -9.21 -8.36 22.22
N MET D 222 -8.65 -9.18 21.33
CA MET D 222 -7.20 -9.32 21.24
C MET D 222 -6.61 -8.24 20.34
N GLY D 223 -7.41 -7.69 19.42
CA GLY D 223 -6.87 -6.86 18.36
C GLY D 223 -7.78 -5.68 18.04
N ILE D 224 -7.18 -4.60 17.53
CA ILE D 224 -7.90 -3.53 16.87
C ILE D 224 -7.43 -3.54 15.42
N VAL D 225 -8.38 -3.60 14.47
CA VAL D 225 -8.05 -3.51 13.05
C VAL D 225 -7.18 -2.28 12.82
N SER D 226 -6.00 -2.47 12.20
CA SER D 226 -5.05 -1.37 12.10
C SER D 226 -4.78 -1.01 10.65
N TRP D 227 -4.28 -1.98 9.85
CA TRP D 227 -3.83 -1.66 8.51
C TRP D 227 -3.55 -2.93 7.72
N GLY D 228 -3.41 -2.77 6.40
CA GLY D 228 -3.11 -3.84 5.47
C GLY D 228 -2.74 -3.23 4.12
N GLU D 229 -1.97 -3.94 3.33
CA GLU D 229 -1.61 -3.46 1.98
C GLU D 229 -2.63 -4.07 1.05
N GLY D 230 -3.81 -3.48 0.99
CA GLY D 230 -4.90 -4.03 0.20
C GLY D 230 -5.90 -4.77 1.05
N CYS D 231 -6.88 -5.37 0.41
CA CYS D 231 -7.85 -6.16 1.14
C CYS D 231 -7.91 -7.53 0.46
N ASP D 232 -7.68 -8.59 1.25
CA ASP D 232 -7.85 -9.97 0.82
C ASP D 232 -6.96 -10.30 -0.39
N ARG D 233 -5.71 -9.82 -0.38
CA ARG D 233 -4.78 -10.15 -1.43
C ARG D 233 -3.93 -11.34 -1.00
N ASP D 234 -3.76 -12.30 -1.92
CA ASP D 234 -2.95 -13.48 -1.66
C ASP D 234 -1.54 -13.08 -1.28
N GLY D 235 -1.07 -13.63 -0.15
CA GLY D 235 0.30 -13.38 0.27
C GLY D 235 0.38 -12.16 1.18
N LYS D 236 -0.76 -11.51 1.40
CA LYS D 236 -0.83 -10.35 2.29
C LYS D 236 -1.72 -10.66 3.50
N TYR D 237 -1.47 -10.00 4.63
CA TYR D 237 -2.24 -10.22 5.86
C TYR D 237 -2.65 -8.87 6.44
N GLY D 238 -3.83 -8.84 7.08
CA GLY D 238 -4.27 -7.68 7.82
C GLY D 238 -3.51 -7.56 9.14
N PHE D 239 -3.28 -6.32 9.59
CA PHE D 239 -2.47 -6.10 10.78
C PHE D 239 -3.31 -5.46 11.88
N TYR D 240 -3.22 -6.04 13.08
CA TYR D 240 -4.04 -5.65 14.23
C TYR D 240 -3.17 -5.11 15.35
N THR D 241 -3.63 -4.03 15.98
CA THR D 241 -3.01 -3.55 17.21
C THR D 241 -3.16 -4.61 18.30
N HIS D 242 -2.05 -4.87 18.99
CA HIS D 242 -1.99 -5.88 20.04
C HIS D 242 -2.55 -5.30 21.33
N VAL D 243 -3.82 -5.62 21.62
CA VAL D 243 -4.52 -4.91 22.70
C VAL D 243 -3.85 -5.18 24.04
N PHE D 244 -3.44 -6.43 24.30
CA PHE D 244 -2.86 -6.69 25.61
C PHE D 244 -1.59 -5.89 25.81
N ARG D 245 -0.77 -5.78 24.76
CA ARG D 245 0.51 -5.03 24.85
C ARG D 245 0.26 -3.65 25.47
N LEU D 246 -0.73 -2.91 24.97
CA LEU D 246 -0.97 -1.53 25.46
C LEU D 246 -2.15 -1.53 26.44
N LYS D 247 -2.23 -2.54 27.32
CA LYS D 247 -3.29 -2.55 28.31
C LYS D 247 -3.01 -1.51 29.39
N LYS D 248 -1.75 -1.43 29.80
CA LYS D 248 -1.44 -0.63 30.97
C LYS D 248 -1.70 0.82 30.63
N TRP D 249 -1.42 1.18 29.38
CA TRP D 249 -1.84 2.50 28.89
C TRP D 249 -3.35 2.66 29.02
N ILE D 250 -4.10 1.64 28.59
CA ILE D 250 -5.55 1.66 28.65
C ILE D 250 -5.99 1.85 30.10
N GLN D 251 -5.50 1.00 31.02
CA GLN D 251 -5.72 1.17 32.45
C GLN D 251 -5.45 2.63 32.85
N LYS D 252 -4.25 3.15 32.52
CA LYS D 252 -3.82 4.44 33.01
C LYS D 252 -4.81 5.53 32.60
N VAL D 253 -5.25 5.49 31.34
CA VAL D 253 -6.12 6.54 30.84
C VAL D 253 -7.45 6.46 31.58
N ILE D 254 -7.95 5.24 31.81
CA ILE D 254 -9.29 5.09 32.36
C ILE D 254 -9.28 5.48 33.83
N ASP D 255 -8.27 5.02 34.58
CA ASP D 255 -8.11 5.33 35.99
C ASP D 255 -8.07 6.85 36.24
N GLN D 256 -7.37 7.60 35.38
CA GLN D 256 -7.11 9.01 35.65
C GLN D 256 -8.28 9.87 35.15
N PHE D 257 -8.59 9.79 33.86
CA PHE D 257 -9.45 10.76 33.22
C PHE D 257 -10.92 10.37 33.33
N GLY D 258 -11.19 9.28 34.05
CA GLY D 258 -12.55 8.87 34.35
C GLY D 258 -12.95 9.25 35.77
C1 NAG E . 19.05 13.79 4.31
C2 NAG E . 18.36 14.95 4.99
C3 NAG E . 19.34 16.11 4.88
C4 NAG E . 20.65 15.81 5.61
C5 NAG E . 21.28 14.59 4.96
C6 NAG E . 21.73 13.50 5.93
C7 NAG E . 15.95 15.30 4.94
C8 NAG E . 14.73 15.63 4.11
N2 NAG E . 17.12 15.25 4.28
O3 NAG E . 18.76 17.38 5.19
O4 NAG E . 21.56 16.88 5.35
O5 NAG E . 20.40 14.09 3.92
O6 NAG E . 23.10 13.17 5.59
O7 NAG E . 15.88 15.10 6.17
C1 NAG E . 22.20 17.41 6.54
C2 NAG E . 23.72 17.55 6.28
C3 NAG E . 24.02 18.86 5.52
C4 NAG E . 22.75 19.44 4.87
C5 NAG E . 21.70 19.73 5.95
C6 NAG E . 20.31 19.90 5.33
C7 NAG E . 25.62 16.57 7.59
C8 NAG E . 26.04 16.17 9.00
N2 NAG E . 24.53 17.36 7.49
O3 NAG E . 24.99 18.65 4.47
O4 NAG E . 23.02 20.58 4.05
O5 NAG E . 21.65 18.68 6.94
O6 NAG E . 20.25 21.15 4.65
O7 NAG E . 26.27 16.20 6.61
C1 NWR F . 4.36 6.19 0.32
C2 NWR F . 3.05 6.92 0.52
C3 NWR F . 2.84 7.43 -2.44
C4 NWR F . 2.21 6.06 -2.42
C5 NWR F . 2.95 4.98 -2.51
C6 NWR F . 2.23 3.64 -2.48
O1 NWR F . 2.69 2.15 -0.26
C7 NWR F . 3.32 1.81 -1.20
C8 NWR F . 4.25 0.62 -1.10
C9 NWR F . 4.07 -0.54 -2.02
C10 NWR F . 6.08 -1.41 -3.25
C11 NWR F . 5.78 -0.72 -4.57
C12 NWR F . 6.80 -0.94 -5.68
C13 NWR F . 6.32 -0.23 -6.93
O2 NWR F . 7.04 -2.09 -3.19
O3 NWR F . 5.30 2.83 -4.17
C14 NWR F . 5.18 -0.66 -7.57
N1 NWR F . 3.16 2.53 -2.44
C15 NWR F . 4.75 0.00 -8.71
C16 NWR F . 5.45 1.08 -9.19
C17 NWR F . 6.59 1.51 -8.54
C18 NWR F . 7.02 0.85 -7.41
C19 NWR F . 5.95 1.86 -4.22
C20 NWR F . 7.44 2.03 -4.01
C21 NWR F . 7.67 3.24 -3.12
N2 NWR F . 5.24 -1.32 -2.07
C22 NWR F . 8.05 4.10 -0.28
C23 NWR F . 6.74 4.84 -0.05
C24 NWR F . 6.59 6.12 -0.54
C25 NWR F . 5.41 6.80 -0.35
C26 NWR F . 5.70 4.22 0.61
C27 NWR F . 4.51 4.91 0.80
C28 NWR F . 5.60 -2.01 -0.88
N3 NWR F . 5.25 0.62 -4.47
S1 NWR F . 2.74 8.16 -0.78
CL1 NWR F . 4.91 1.95 -10.65
S2 NWR F . 7.76 2.71 -1.39
C29 NWR F . 5.90 -0.92 0.17
C30 NWR F . 4.71 0.09 0.27
S SO4 G . 10.92 0.52 -4.58
O1 SO4 G . 11.99 -0.32 -4.06
O2 SO4 G . 9.66 -0.06 -4.22
O3 SO4 G . 11.01 0.58 -6.01
O4 SO4 G . 11.00 1.86 -4.05
C1 NWR H . 0.61 4.24 6.18
C2 NWR H . 2.05 3.76 6.16
C3 NWR H . 1.45 1.42 7.96
C4 NWR H . 1.13 0.79 6.61
C5 NWR H . -0.08 0.91 6.11
C6 NWR H . -0.37 0.27 4.77
O1 NWR H . -1.01 1.92 2.68
C7 NWR H . -1.93 1.43 3.22
C8 NWR H . -3.33 1.74 2.73
C9 NWR H . -4.23 0.72 2.09
C10 NWR H . -6.61 0.91 2.85
C11 NWR H . -6.46 -0.12 3.97
C12 NWR H . -7.73 -0.50 4.71
C13 NWR H . -7.43 -1.60 5.72
O2 NWR H . -7.66 1.40 2.69
O3 NWR H . -3.74 0.63 6.22
C14 NWR H . -7.44 -1.28 7.06
N1 NWR H . -1.71 0.56 4.33
C15 NWR H . -7.16 -2.24 7.99
C16 NWR H . -6.88 -3.53 7.59
C17 NWR H . -6.86 -3.86 6.25
C18 NWR H . -7.13 -2.88 5.31
C19 NWR H . -4.83 0.79 5.81
C20 NWR H . -5.66 1.85 6.49
C21 NWR H . -4.72 2.91 7.07
N2 NWR H . -5.52 1.27 1.97
C22 NWR H . -3.44 5.56 6.38
C23 NWR H . -2.00 5.10 6.29
C24 NWR H . -1.39 4.91 5.06
C25 NWR H . -0.08 4.48 5.01
C26 NWR H . -1.31 4.85 7.45
C27 NWR H . -0.01 4.42 7.39
C28 NWR H . -5.72 2.25 0.96
N3 NWR H . -5.22 -0.07 4.73
S1 NWR H . 2.45 2.91 7.71
CL1 NWR H . -6.54 -4.75 8.84
S2 NWR H . -4.48 4.20 5.80
C29 NWR H . -4.55 3.24 1.03
C30 NWR H . -3.86 3.15 2.44
S SO4 I . -9.40 3.04 6.81
O1 SO4 I . -10.29 3.94 6.11
O2 SO4 I . -10.16 1.97 7.38
O3 SO4 I . -8.44 2.48 5.91
O4 SO4 I . -8.71 3.74 7.86
C1 NAG J . -3.97 18.06 16.46
C2 NAG J . -2.44 18.23 16.56
C3 NAG J . -1.94 18.90 17.85
C4 NAG J . -2.66 20.24 18.04
C5 NAG J . -4.18 19.97 18.12
C6 NAG J . -4.88 21.34 18.21
C7 NAG J . -0.97 16.79 15.27
C8 NAG J . 0.09 15.71 15.42
N2 NAG J . -1.71 16.99 16.37
O3 NAG J . -0.52 19.10 17.80
O4 NAG J . -2.19 20.97 19.20
O5 NAG J . -4.68 19.21 16.99
O6 NAG J . -6.25 21.24 17.85
O7 NAG J . -1.15 17.43 14.22
#